data_3U96
#
_entry.id   3U96
#
_cell.length_a   49.863
_cell.length_b   53.993
_cell.length_c   65.759
_cell.angle_alpha   104.780
_cell.angle_beta   108.790
_cell.angle_gamma   97.830
#
_symmetry.space_group_name_H-M   'P 1'
#
loop_
_entity.id
_entity.type
_entity.pdbx_description
1 polymer 'Tyrosine-protein phosphatase yopH'
2 non-polymer N,4-DIHYDROXY-N-OXO-3-(SULFOOXY)BENZENAMINIUM
3 non-polymer 'SULFATE ION'
4 water water
#
_entity_poly.entity_id   1
_entity_poly.type   'polypeptide(L)'
_entity_poly.pdbx_seq_one_letter_code
;PRERPHTSGHHGAGEARATAPSTVSPYGPEARAELSSRLTTLRNTLAPATNDPRYLQACGGEKLNRFRDIQCRRQTAVRA
DLNANYIQVGNTRTIACQYPLQSQLESHFRMLAENRTPVLAVLASSSEIANQRFGMPDYFRQSGTYGSITVESKMTQQVG
LGDGIMADMYTLTIREAGQKTISVPVVHVGNWPDFTAVSSEVTKALASLVDQTAETKRNMYESKGSSAVADDSKLRPVIH
CRAGVGRTAQLIGAMCMNDSRNSQLSVEDMVSQMRVQRNGIMVQKDEQLDVLIKLAEGQGRPLLNS
;
_entity_poly.pdbx_strand_id   A,B
#
# COMPACT_ATOMS: atom_id res chain seq x y z
N SER A 25 32.46 -2.06 2.39
CA SER A 25 30.98 -1.80 2.47
C SER A 25 30.18 -2.97 1.92
N PRO A 26 29.12 -3.38 2.66
CA PRO A 26 28.23 -4.46 2.21
C PRO A 26 27.51 -4.15 0.89
N TYR A 27 27.42 -2.88 0.52
CA TYR A 27 26.73 -2.45 -0.70
C TYR A 27 27.66 -1.79 -1.68
N GLY A 28 28.97 -1.96 -1.48
CA GLY A 28 29.95 -1.33 -2.36
C GLY A 28 30.17 -2.10 -3.65
N PRO A 29 31.12 -1.63 -4.48
CA PRO A 29 31.47 -2.25 -5.76
C PRO A 29 31.88 -3.73 -5.69
N GLU A 30 32.64 -4.08 -4.65
CA GLU A 30 33.17 -5.44 -4.47
C GLU A 30 32.01 -6.41 -4.17
N ALA A 31 31.07 -5.97 -3.34
CA ALA A 31 29.89 -6.76 -3.00
C ALA A 31 28.99 -6.94 -4.22
N ARG A 32 28.79 -5.86 -4.98
CA ARG A 32 27.98 -5.89 -6.21
C ARG A 32 28.57 -6.80 -7.27
N ALA A 33 29.90 -6.81 -7.41
CA ALA A 33 30.58 -7.68 -8.38
C ALA A 33 30.46 -9.15 -7.97
N GLU A 34 30.53 -9.41 -6.67
CA GLU A 34 30.40 -10.79 -6.18
C GLU A 34 28.97 -11.30 -6.38
N LEU A 35 27.98 -10.46 -6.08
CA LEU A 35 26.57 -10.81 -6.32
C LEU A 35 26.34 -11.12 -7.81
N SER A 36 26.90 -10.27 -8.67
N SER A 36 26.89 -10.27 -8.68
CA SER A 36 26.82 -10.45 -10.12
CA SER A 36 26.79 -10.48 -10.13
C SER A 36 27.48 -11.76 -10.59
C SER A 36 27.47 -11.77 -10.59
N SER A 37 28.64 -12.07 -10.03
CA SER A 37 29.36 -13.29 -10.33
C SER A 37 28.56 -14.56 -9.97
N ARG A 38 28.01 -14.59 -8.76
CA ARG A 38 27.17 -15.73 -8.34
C ARG A 38 25.92 -15.87 -9.22
N LEU A 39 25.27 -14.75 -9.52
CA LEU A 39 24.06 -14.80 -10.33
C LEU A 39 24.32 -15.19 -11.80
N THR A 40 25.46 -14.76 -12.34
CA THR A 40 25.81 -15.09 -13.73
C THR A 40 26.04 -16.60 -13.89
N THR A 41 26.80 -17.19 -12.96
CA THR A 41 26.93 -18.64 -12.89
C THR A 41 25.58 -19.36 -12.86
N LEU A 42 24.66 -18.83 -12.07
CA LEU A 42 23.38 -19.46 -11.97
C LEU A 42 22.59 -19.33 -13.27
N ARG A 43 22.59 -18.15 -13.89
CA ARG A 43 21.92 -17.97 -15.20
C ARG A 43 22.48 -18.99 -16.20
N ASN A 44 23.80 -19.10 -16.24
CA ASN A 44 24.44 -20.05 -17.16
C ASN A 44 24.03 -21.47 -16.95
N THR A 45 24.03 -21.91 -15.68
CA THR A 45 23.64 -23.26 -15.30
C THR A 45 22.21 -23.57 -15.71
N LEU A 46 21.35 -22.56 -15.61
CA LEU A 46 19.92 -22.76 -15.84
C LEU A 46 19.50 -22.54 -17.30
N ALA A 47 20.48 -22.22 -18.15
CA ALA A 47 20.23 -21.97 -19.57
C ALA A 47 19.60 -23.22 -20.16
N PRO A 48 18.50 -23.05 -20.92
CA PRO A 48 17.81 -24.24 -21.38
C PRO A 48 18.55 -24.91 -22.54
N ALA A 49 18.71 -26.23 -22.44
CA ALA A 49 19.24 -27.01 -23.55
C ALA A 49 18.06 -27.30 -24.49
N THR A 50 18.35 -27.85 -25.67
CA THR A 50 17.30 -28.34 -26.56
C THR A 50 16.51 -29.43 -25.85
N ASN A 51 15.19 -29.32 -25.91
CA ASN A 51 14.29 -30.27 -25.26
C ASN A 51 14.64 -30.51 -23.78
N ASP A 52 15.12 -29.45 -23.12
CA ASP A 52 15.48 -29.48 -21.69
C ASP A 52 14.38 -30.07 -20.80
N PRO A 53 14.72 -31.14 -20.05
CA PRO A 53 13.78 -31.78 -19.13
C PRO A 53 13.44 -30.92 -17.90
N ARG A 54 14.18 -29.83 -17.69
CA ARG A 54 13.90 -28.94 -16.55
C ARG A 54 12.76 -27.98 -16.86
N TYR A 55 12.45 -27.84 -18.15
CA TYR A 55 11.54 -26.82 -18.66
C TYR A 55 10.37 -27.45 -19.39
N LEU A 56 9.22 -26.81 -19.26
CA LEU A 56 8.00 -27.21 -19.94
C LEU A 56 8.19 -27.14 -21.45
N GLN A 57 7.80 -28.21 -22.14
CA GLN A 57 7.87 -28.29 -23.61
C GLN A 57 6.48 -28.19 -24.17
N ALA A 58 6.31 -27.54 -25.31
CA ALA A 58 5.00 -27.43 -25.90
C ALA A 58 4.42 -28.79 -26.17
N CYS A 59 3.16 -28.99 -25.82
CA CYS A 59 2.56 -30.34 -25.83
C CYS A 59 1.39 -30.70 -26.74
N GLY A 60 1.11 -29.93 -27.80
CA GLY A 60 1.92 -28.88 -28.36
C GLY A 60 2.69 -29.47 -29.50
N GLY A 61 2.59 -28.96 -30.75
CA GLY A 61 1.49 -28.16 -31.31
C GLY A 61 1.52 -26.63 -31.40
N GLU A 62 0.69 -26.00 -30.59
CA GLU A 62 0.65 -24.58 -30.38
C GLU A 62 1.92 -24.10 -29.71
N LYS A 63 2.33 -22.91 -30.04
CA LYS A 63 3.45 -22.23 -29.42
C LYS A 63 3.13 -22.07 -27.92
N LEU A 64 4.10 -22.41 -27.08
CA LEU A 64 3.93 -22.29 -25.64
C LEU A 64 4.67 -21.02 -25.16
N ASN A 65 5.94 -20.90 -25.52
CA ASN A 65 6.79 -19.76 -25.14
C ASN A 65 6.67 -18.58 -26.07
N ARG A 66 6.38 -17.40 -25.50
CA ARG A 66 6.34 -16.13 -26.24
C ARG A 66 7.71 -15.81 -26.85
N PHE A 67 8.77 -16.14 -26.09
CA PHE A 67 10.15 -16.02 -26.56
C PHE A 67 10.84 -17.37 -26.44
N ARG A 68 11.58 -17.73 -27.48
CA ARG A 68 12.16 -19.05 -27.58
C ARG A 68 13.01 -19.42 -26.37
N ASP A 69 13.78 -18.43 -25.92
CA ASP A 69 14.82 -18.58 -24.92
C ASP A 69 14.31 -18.29 -23.50
N ILE A 70 13.02 -17.99 -23.36
CA ILE A 70 12.44 -17.66 -22.05
C ILE A 70 11.45 -18.75 -21.67
N GLN A 71 11.93 -19.70 -20.88
CA GLN A 71 11.19 -20.93 -20.68
C GLN A 71 10.60 -21.06 -19.27
N CYS A 72 9.82 -22.10 -19.08
CA CYS A 72 9.01 -22.24 -17.89
C CYS A 72 9.44 -23.49 -17.14
N ARG A 73 10.06 -23.30 -15.98
CA ARG A 73 10.48 -24.42 -15.13
C ARG A 73 9.36 -25.44 -14.93
N ARG A 74 9.63 -26.69 -15.28
CA ARG A 74 8.56 -27.69 -15.28
C ARG A 74 8.02 -27.99 -13.89
N GLN A 75 8.89 -28.17 -12.89
CA GLN A 75 8.41 -28.61 -11.58
C GLN A 75 7.55 -27.57 -10.82
N THR A 76 7.67 -26.29 -11.22
CA THR A 76 6.87 -25.23 -10.62
C THR A 76 5.84 -24.63 -11.59
N ALA A 77 5.67 -25.26 -12.76
CA ALA A 77 4.66 -24.81 -13.72
C ALA A 77 3.24 -24.86 -13.15
N VAL A 78 2.44 -23.87 -13.50
CA VAL A 78 1.06 -23.76 -13.02
C VAL A 78 0.13 -24.66 -13.85
N ARG A 79 0.27 -24.62 -15.16
CA ARG A 79 -0.55 -25.39 -16.10
C ARG A 79 0.34 -25.84 -17.23
N ALA A 80 0.01 -26.99 -17.83
CA ALA A 80 0.82 -27.58 -18.87
C ALA A 80 0.87 -26.73 -20.13
N ASP A 81 -0.11 -25.84 -20.30
CA ASP A 81 -0.19 -25.06 -21.52
C ASP A 81 0.01 -23.56 -21.31
N LEU A 82 0.57 -23.20 -20.16
CA LEU A 82 0.96 -21.80 -19.93
C LEU A 82 2.44 -21.75 -19.57
N ASN A 83 3.04 -20.60 -19.88
CA ASN A 83 4.39 -20.24 -19.43
C ASN A 83 4.17 -19.36 -18.19
N ALA A 84 4.21 -20.03 -17.05
CA ALA A 84 3.77 -19.48 -15.76
C ALA A 84 4.28 -20.37 -14.62
N ASN A 85 4.81 -19.76 -13.56
CA ASN A 85 5.39 -20.52 -12.49
C ASN A 85 4.95 -20.05 -11.14
N TYR A 86 4.74 -21.02 -10.25
CA TYR A 86 4.65 -20.71 -8.82
C TYR A 86 6.04 -20.29 -8.37
N ILE A 87 6.14 -19.18 -7.69
CA ILE A 87 7.43 -18.77 -7.14
C ILE A 87 7.23 -18.45 -5.65
N GLN A 88 8.08 -19.02 -4.80
CA GLN A 88 8.10 -18.57 -3.40
C GLN A 88 9.45 -17.95 -3.09
N VAL A 89 9.42 -16.70 -2.67
CA VAL A 89 10.64 -15.99 -2.32
C VAL A 89 10.62 -15.74 -0.83
N GLY A 90 11.43 -16.50 -0.08
CA GLY A 90 11.26 -16.50 1.39
C GLY A 90 9.91 -17.10 1.72
N ASN A 91 9.03 -16.27 2.30
CA ASN A 91 7.68 -16.66 2.62
C ASN A 91 6.65 -16.20 1.57
N THR A 92 7.10 -15.36 0.64
CA THR A 92 6.20 -14.65 -0.31
C THR A 92 5.84 -15.55 -1.47
N ARG A 93 4.56 -15.90 -1.56
CA ARG A 93 4.08 -16.81 -2.62
C ARG A 93 3.41 -16.00 -3.72
N THR A 94 3.89 -16.20 -4.95
CA THR A 94 3.32 -15.53 -6.12
C THR A 94 3.20 -16.50 -7.31
N ILE A 95 2.58 -16.01 -8.37
CA ILE A 95 2.72 -16.62 -9.67
C ILE A 95 3.35 -15.60 -10.61
N ALA A 96 4.37 -16.03 -11.36
CA ALA A 96 4.92 -15.20 -12.42
C ALA A 96 4.74 -15.93 -13.76
N CYS A 97 4.40 -15.09 -14.76
CA CYS A 97 4.11 -15.65 -16.09
C CYS A 97 4.46 -14.68 -17.19
N GLN A 98 4.47 -15.18 -18.44
CA GLN A 98 4.57 -14.29 -19.58
C GLN A 98 3.20 -13.69 -19.87
N TYR A 99 3.17 -12.62 -20.66
CA TYR A 99 1.92 -12.12 -21.20
C TYR A 99 1.33 -13.24 -22.05
N PRO A 100 0.11 -13.68 -21.70
CA PRO A 100 -0.51 -14.87 -22.34
C PRO A 100 -0.62 -14.66 -23.85
N LEU A 101 -0.29 -15.68 -24.63
CA LEU A 101 -0.51 -15.64 -26.09
C LEU A 101 -2.00 -15.68 -26.37
N GLN A 102 -2.40 -15.17 -27.53
CA GLN A 102 -3.81 -15.27 -27.96
C GLN A 102 -4.45 -16.64 -27.68
N SER A 103 -3.77 -17.72 -28.11
CA SER A 103 -4.27 -19.09 -27.93
C SER A 103 -4.40 -19.47 -26.45
N GLN A 104 -3.67 -18.77 -25.57
CA GLN A 104 -3.63 -19.17 -24.17
C GLN A 104 -4.65 -18.46 -23.29
N LEU A 105 -5.45 -17.55 -23.86
CA LEU A 105 -6.34 -16.74 -22.97
C LEU A 105 -7.33 -17.56 -22.15
N GLU A 106 -8.00 -18.55 -22.75
CA GLU A 106 -8.93 -19.35 -21.94
C GLU A 106 -8.23 -20.02 -20.76
N SER A 107 -7.08 -20.62 -21.02
CA SER A 107 -6.34 -21.31 -19.98
CA SER A 107 -6.39 -21.32 -19.89
C SER A 107 -5.85 -20.30 -18.91
N HIS A 108 -5.43 -19.14 -19.38
CA HIS A 108 -4.98 -18.06 -18.49
C HIS A 108 -6.11 -17.66 -17.55
N PHE A 109 -7.31 -17.42 -18.10
CA PHE A 109 -8.43 -17.06 -17.27
C PHE A 109 -8.83 -18.17 -16.31
N ARG A 110 -8.74 -19.42 -16.77
CA ARG A 110 -8.98 -20.54 -15.86
C ARG A 110 -7.97 -20.55 -14.70
N MET A 111 -6.68 -20.34 -14.97
CA MET A 111 -5.65 -20.14 -13.91
C MET A 111 -6.06 -19.05 -12.94
N LEU A 112 -6.39 -17.87 -13.48
CA LEU A 112 -6.82 -16.76 -12.64
C LEU A 112 -7.99 -17.10 -11.72
N ALA A 113 -9.02 -17.76 -12.26
CA ALA A 113 -10.23 -18.05 -11.52
C ALA A 113 -9.95 -19.13 -10.47
N GLU A 114 -9.31 -20.23 -10.87
CA GLU A 114 -8.96 -21.34 -9.95
C GLU A 114 -8.07 -20.91 -8.80
N ASN A 115 -7.15 -19.99 -9.06
CA ASN A 115 -6.25 -19.41 -8.05
C ASN A 115 -6.95 -18.45 -7.06
N ARG A 116 -8.20 -18.08 -7.35
CA ARG A 116 -8.93 -17.10 -6.51
C ARG A 116 -8.04 -15.85 -6.48
N THR A 117 -7.49 -15.50 -7.63
CA THR A 117 -6.43 -14.48 -7.69
C THR A 117 -6.74 -13.19 -6.92
N PRO A 118 -5.90 -12.84 -5.91
CA PRO A 118 -6.24 -11.64 -5.15
C PRO A 118 -5.76 -10.34 -5.82
N VAL A 119 -4.84 -10.43 -6.78
CA VAL A 119 -4.47 -9.25 -7.59
C VAL A 119 -3.71 -9.78 -8.79
N LEU A 120 -4.00 -9.20 -9.95
CA LEU A 120 -3.26 -9.49 -11.15
C LEU A 120 -2.57 -8.18 -11.46
N ALA A 121 -1.23 -8.19 -11.48
CA ALA A 121 -0.47 -6.98 -11.80
C ALA A 121 0.06 -7.12 -13.21
N VAL A 122 -0.35 -6.24 -14.10
CA VAL A 122 0.15 -6.26 -15.48
C VAL A 122 1.10 -5.06 -15.65
N LEU A 123 2.36 -5.34 -16.01
CA LEU A 123 3.41 -4.33 -16.10
C LEU A 123 3.80 -4.02 -17.54
N ALA A 124 3.16 -4.68 -18.51
CA ALA A 124 3.28 -4.27 -19.92
C ALA A 124 2.49 -2.98 -20.11
N SER A 125 3.00 -2.04 -20.90
CA SER A 125 2.34 -0.78 -21.07
C SER A 125 1.22 -0.85 -22.08
N SER A 126 0.36 0.15 -22.02
CA SER A 126 -0.68 0.35 -23.04
C SER A 126 -0.11 0.41 -24.47
N SER A 127 1.04 1.07 -24.64
CA SER A 127 1.72 1.12 -25.96
C SER A 127 2.18 -0.23 -26.47
N GLU A 128 2.70 -1.07 -25.59
CA GLU A 128 3.03 -2.45 -25.96
C GLU A 128 1.78 -3.24 -26.35
N ILE A 129 0.71 -3.15 -25.56
CA ILE A 129 -0.50 -3.91 -25.82
C ILE A 129 -1.15 -3.47 -27.15
N ALA A 130 -1.09 -2.18 -27.42
CA ALA A 130 -1.68 -1.58 -28.62
C ALA A 130 -0.90 -1.97 -29.88
N ASN A 131 0.36 -2.37 -29.71
CA ASN A 131 1.24 -2.68 -30.86
C ASN A 131 0.92 -4.08 -31.38
N GLN A 132 0.18 -4.14 -32.49
CA GLN A 132 -0.29 -5.45 -32.97
C GLN A 132 0.85 -6.45 -33.28
N ARG A 133 2.04 -5.95 -33.56
N ARG A 133 2.04 -5.92 -33.58
CA ARG A 133 3.17 -6.78 -33.85
CA ARG A 133 3.22 -6.74 -33.87
C ARG A 133 3.53 -7.67 -32.66
C ARG A 133 3.63 -7.62 -32.68
N PHE A 134 3.37 -7.13 -31.47
CA PHE A 134 3.74 -7.86 -30.23
C PHE A 134 2.79 -9.00 -29.81
N GLY A 135 1.58 -9.04 -30.36
CA GLY A 135 0.65 -10.15 -30.09
C GLY A 135 0.34 -10.27 -28.60
N MET A 136 0.04 -9.13 -27.99
CA MET A 136 -0.33 -9.07 -26.55
C MET A 136 -1.80 -8.63 -26.46
N PRO A 137 -2.73 -9.59 -26.33
CA PRO A 137 -4.16 -9.28 -26.39
C PRO A 137 -4.60 -8.43 -25.21
N ASP A 138 -5.49 -7.47 -25.47
CA ASP A 138 -5.95 -6.50 -24.49
C ASP A 138 -7.06 -7.16 -23.68
N TYR A 139 -6.69 -8.15 -22.88
CA TYR A 139 -7.64 -9.10 -22.34
C TYR A 139 -8.31 -8.66 -21.04
N PHE A 140 -7.76 -7.63 -20.41
CA PHE A 140 -8.27 -7.20 -19.10
C PHE A 140 -8.98 -5.83 -19.12
N ARG A 141 -8.92 -5.09 -20.24
CA ARG A 141 -9.58 -3.79 -20.34
C ARG A 141 -10.86 -3.80 -21.18
N GLN A 142 -11.20 -4.98 -21.68
CA GLN A 142 -12.48 -5.09 -22.39
C GLN A 142 -13.14 -6.40 -22.02
N SER A 143 -14.45 -6.48 -22.21
CA SER A 143 -15.12 -7.75 -21.99
C SER A 143 -14.92 -8.70 -23.16
N GLY A 144 -15.13 -9.99 -22.97
CA GLY A 144 -14.84 -10.91 -24.07
C GLY A 144 -15.31 -12.32 -23.77
N THR A 145 -15.36 -13.14 -24.82
CA THR A 145 -15.67 -14.56 -24.70
C THR A 145 -14.46 -15.35 -25.17
N TYR A 146 -14.00 -16.31 -24.37
CA TYR A 146 -12.80 -17.10 -24.67
C TYR A 146 -13.14 -18.56 -24.46
N GLY A 147 -13.65 -19.21 -25.51
CA GLY A 147 -14.13 -20.59 -25.38
C GLY A 147 -15.29 -20.63 -24.40
N SER A 148 -15.15 -21.42 -23.34
CA SER A 148 -16.28 -21.56 -22.42
CA SER A 148 -16.33 -21.58 -22.33
C SER A 148 -16.28 -20.53 -21.28
N ILE A 149 -15.30 -19.62 -21.33
CA ILE A 149 -15.17 -18.54 -20.33
C ILE A 149 -15.63 -17.20 -20.90
N THR A 150 -16.39 -16.45 -20.11
CA THR A 150 -16.72 -15.07 -20.42
C THR A 150 -16.11 -14.17 -19.34
N VAL A 151 -15.67 -12.98 -19.75
CA VAL A 151 -14.96 -12.04 -18.88
C VAL A 151 -15.59 -10.68 -19.05
N GLU A 152 -15.90 -10.04 -17.93
CA GLU A 152 -16.44 -8.69 -17.89
C GLU A 152 -15.37 -7.83 -17.23
N SER A 153 -15.01 -6.71 -17.86
CA SER A 153 -14.03 -5.79 -17.29
C SER A 153 -14.70 -4.49 -16.88
N LYS A 154 -14.42 -4.05 -15.66
CA LYS A 154 -14.88 -2.76 -15.15
C LYS A 154 -13.72 -1.92 -14.63
N MET A 155 -13.76 -0.63 -14.94
CA MET A 155 -12.72 0.23 -14.48
C MET A 155 -12.95 0.65 -13.04
N THR A 156 -11.89 0.63 -12.24
CA THR A 156 -11.99 1.09 -10.86
C THR A 156 -11.07 2.29 -10.67
N GLN A 157 -10.22 2.28 -9.65
CA GLN A 157 -9.50 3.51 -9.30
C GLN A 157 -8.22 3.70 -10.14
N GLN A 158 -7.64 4.88 -10.10
CA GLN A 158 -6.33 5.10 -10.64
C GLN A 158 -5.43 5.68 -9.54
N VAL A 159 -4.24 5.14 -9.42
CA VAL A 159 -3.33 5.50 -8.32
C VAL A 159 -1.98 5.91 -8.91
N GLY A 160 -1.54 7.14 -8.60
CA GLY A 160 -0.23 7.61 -9.08
C GLY A 160 0.88 6.95 -8.25
N LEU A 161 1.95 6.55 -8.91
CA LEU A 161 3.04 5.86 -8.24
C LEU A 161 4.30 6.69 -8.07
N GLY A 162 4.31 7.88 -8.66
CA GLY A 162 5.50 8.74 -8.70
C GLY A 162 6.07 8.85 -10.11
N ASP A 163 6.78 9.95 -10.39
CA ASP A 163 7.45 10.15 -11.66
C ASP A 163 6.47 10.11 -12.83
N GLY A 164 5.20 10.39 -12.53
CA GLY A 164 4.13 10.40 -13.53
C GLY A 164 3.68 9.00 -13.98
N ILE A 165 4.27 7.96 -13.40
CA ILE A 165 3.84 6.56 -13.66
C ILE A 165 2.48 6.32 -12.97
N MET A 166 1.53 5.72 -13.69
N MET A 166 1.52 5.73 -13.66
CA MET A 166 0.16 5.57 -13.17
CA MET A 166 0.17 5.59 -13.14
C MET A 166 -0.26 4.11 -13.17
C MET A 166 -0.25 4.12 -13.15
N ALA A 167 -0.88 3.70 -12.07
CA ALA A 167 -1.55 2.41 -12.00
C ALA A 167 -3.04 2.57 -12.30
N ASP A 168 -3.49 1.94 -13.38
CA ASP A 168 -4.91 1.90 -13.70
C ASP A 168 -5.48 0.60 -13.17
N MET A 169 -6.54 0.69 -12.37
CA MET A 169 -7.14 -0.53 -11.80
C MET A 169 -8.46 -0.95 -12.43
N TYR A 170 -8.70 -2.26 -12.40
CA TYR A 170 -9.86 -2.89 -13.01
C TYR A 170 -10.31 -4.02 -12.12
N THR A 171 -11.55 -4.46 -12.36
CA THR A 171 -11.95 -5.78 -11.88
C THR A 171 -12.32 -6.60 -13.09
N LEU A 172 -11.84 -7.83 -13.10
CA LEU A 172 -12.27 -8.82 -14.10
C LEU A 172 -13.18 -9.87 -13.49
N THR A 173 -14.40 -10.01 -14.04
CA THR A 173 -15.33 -11.02 -13.56
C THR A 173 -15.35 -12.17 -14.55
N ILE A 174 -14.90 -13.33 -14.10
CA ILE A 174 -14.70 -14.51 -14.93
C ILE A 174 -15.80 -15.51 -14.68
N ARG A 175 -16.55 -15.84 -15.74
CA ARG A 175 -17.71 -16.72 -15.65
C ARG A 175 -17.55 -17.93 -16.54
N GLU A 176 -18.04 -19.06 -16.08
CA GLU A 176 -17.95 -20.31 -16.81
C GLU A 176 -18.99 -21.28 -16.24
N ALA A 177 -19.81 -21.85 -17.13
CA ALA A 177 -20.91 -22.71 -16.69
C ALA A 177 -20.34 -23.82 -15.80
N GLY A 178 -20.95 -23.99 -14.63
CA GLY A 178 -20.56 -25.06 -13.70
C GLY A 178 -19.34 -24.72 -12.88
N GLN A 179 -18.91 -23.46 -12.94
CA GLN A 179 -17.82 -22.97 -12.10
C GLN A 179 -18.33 -21.79 -11.28
N LYS A 180 -17.74 -21.59 -10.11
CA LYS A 180 -18.03 -20.40 -9.33
C LYS A 180 -17.53 -19.16 -10.10
N THR A 181 -18.35 -18.11 -10.16
CA THR A 181 -17.93 -16.83 -10.72
C THR A 181 -16.85 -16.17 -9.84
N ILE A 182 -15.75 -15.74 -10.44
CA ILE A 182 -14.64 -15.16 -9.67
C ILE A 182 -14.35 -13.76 -10.22
N SER A 183 -14.25 -12.77 -9.34
N SER A 183 -14.22 -12.79 -9.31
CA SER A 183 -13.73 -11.46 -9.75
CA SER A 183 -13.74 -11.45 -9.67
C SER A 183 -12.30 -11.25 -9.27
C SER A 183 -12.28 -11.24 -9.25
N VAL A 184 -11.49 -10.66 -10.16
CA VAL A 184 -10.06 -10.48 -9.89
C VAL A 184 -9.73 -8.99 -10.00
N PRO A 185 -9.15 -8.40 -8.94
CA PRO A 185 -8.60 -7.02 -9.05
C PRO A 185 -7.37 -7.01 -9.98
N VAL A 186 -7.28 -6.00 -10.85
CA VAL A 186 -6.12 -5.84 -11.76
C VAL A 186 -5.45 -4.52 -11.45
N VAL A 187 -4.13 -4.57 -11.33
CA VAL A 187 -3.30 -3.39 -11.30
C VAL A 187 -2.47 -3.34 -12.60
N HIS A 188 -2.77 -2.35 -13.43
CA HIS A 188 -2.09 -2.17 -14.72
C HIS A 188 -1.24 -0.91 -14.73
N VAL A 189 0.08 -1.07 -14.87
CA VAL A 189 0.95 0.10 -14.98
C VAL A 189 0.97 0.46 -16.46
N GLY A 190 -0.02 1.24 -16.86
CA GLY A 190 -0.27 1.48 -18.27
C GLY A 190 0.81 2.28 -18.99
N ASN A 191 1.60 3.06 -18.25
CA ASN A 191 2.67 3.85 -18.85
C ASN A 191 4.04 3.48 -18.28
N TRP A 192 4.26 2.19 -18.02
CA TRP A 192 5.63 1.72 -17.74
C TRP A 192 6.46 2.12 -18.97
N PRO A 193 7.54 2.87 -18.74
CA PRO A 193 8.32 3.46 -19.85
C PRO A 193 9.13 2.41 -20.58
N ASP A 194 9.27 2.55 -21.90
CA ASP A 194 10.04 1.54 -22.65
C ASP A 194 11.52 1.89 -22.87
N PHE A 195 11.93 3.05 -22.39
CA PHE A 195 13.28 3.58 -22.65
C PHE A 195 14.12 3.80 -21.38
N THR A 196 13.53 3.52 -20.22
CA THR A 196 14.19 3.78 -18.94
C THR A 196 13.71 2.81 -17.84
N ALA A 197 14.54 2.61 -16.81
CA ALA A 197 14.19 1.73 -15.70
C ALA A 197 13.13 2.45 -14.87
N VAL A 198 12.31 1.73 -14.10
CA VAL A 198 11.54 2.50 -13.11
C VAL A 198 12.26 2.50 -11.78
N SER A 199 12.23 3.66 -11.14
CA SER A 199 12.98 3.90 -9.93
C SER A 199 12.61 2.98 -8.78
N SER A 200 13.52 2.86 -7.83
CA SER A 200 13.23 2.09 -6.61
C SER A 200 12.04 2.68 -5.88
N GLU A 201 11.89 4.01 -5.93
CA GLU A 201 10.78 4.67 -5.25
C GLU A 201 9.41 4.30 -5.83
N VAL A 202 9.31 4.31 -7.16
CA VAL A 202 8.11 3.95 -7.88
C VAL A 202 7.87 2.43 -7.66
N THR A 203 8.94 1.65 -7.74
CA THR A 203 8.84 0.21 -7.47
C THR A 203 8.24 -0.08 -6.08
N LYS A 204 8.74 0.62 -5.06
CA LYS A 204 8.25 0.40 -3.71
C LYS A 204 6.76 0.81 -3.65
N ALA A 205 6.41 1.94 -4.29
CA ALA A 205 5.00 2.38 -4.28
C ALA A 205 4.08 1.34 -4.99
N LEU A 206 4.58 0.74 -6.07
CA LEU A 206 3.83 -0.25 -6.79
C LEU A 206 3.71 -1.53 -5.96
N ALA A 207 4.79 -2.00 -5.33
CA ALA A 207 4.69 -3.19 -4.46
C ALA A 207 3.66 -2.96 -3.33
N SER A 208 3.64 -1.76 -2.77
CA SER A 208 2.69 -1.44 -1.68
C SER A 208 1.26 -1.52 -2.18
N LEU A 209 1.02 -0.94 -3.35
CA LEU A 209 -0.31 -0.97 -3.96
C LEU A 209 -0.76 -2.41 -4.30
N VAL A 210 0.11 -3.18 -4.93
CA VAL A 210 -0.21 -4.55 -5.28
C VAL A 210 -0.49 -5.41 -4.02
N ASP A 211 0.36 -5.26 -3.00
CA ASP A 211 0.18 -5.98 -1.74
C ASP A 211 -1.11 -5.57 -1.04
N GLN A 212 -1.43 -4.28 -1.05
CA GLN A 212 -2.63 -3.78 -0.39
C GLN A 212 -3.88 -4.31 -1.10
N THR A 213 -3.82 -4.33 -2.42
CA THR A 213 -4.94 -4.84 -3.21
C THR A 213 -5.19 -6.32 -2.93
N ALA A 214 -4.12 -7.11 -2.92
CA ALA A 214 -4.18 -8.53 -2.57
C ALA A 214 -4.73 -8.73 -1.15
N GLU A 215 -4.26 -7.92 -0.21
CA GLU A 215 -4.70 -8.13 1.18
C GLU A 215 -6.19 -7.85 1.34
N THR A 216 -6.68 -6.79 0.71
CA THR A 216 -8.12 -6.52 0.74
C THR A 216 -8.94 -7.70 0.13
N LYS A 217 -8.52 -8.19 -1.03
CA LYS A 217 -9.24 -9.30 -1.67
C LYS A 217 -9.09 -10.63 -0.92
N ARG A 218 -7.90 -10.90 -0.38
CA ARG A 218 -7.68 -12.15 0.33
C ARG A 218 -8.56 -12.13 1.58
N ASN A 219 -8.64 -10.95 2.20
CA ASN A 219 -9.49 -10.79 3.39
C ASN A 219 -10.95 -11.16 3.11
N MET A 220 -11.45 -10.73 1.96
CA MET A 220 -12.82 -11.04 1.59
C MET A 220 -12.95 -12.57 1.53
N TYR A 221 -12.00 -13.27 0.88
CA TYR A 221 -12.08 -14.75 0.85
C TYR A 221 -12.03 -15.38 2.24
N GLU A 222 -11.12 -14.91 3.07
CA GLU A 222 -11.05 -15.42 4.46
C GLU A 222 -12.38 -15.22 5.19
N SER A 223 -12.99 -14.06 4.98
N SER A 223 -13.00 -14.05 5.00
CA SER A 223 -14.23 -13.70 5.63
CA SER A 223 -14.26 -13.75 5.69
C SER A 223 -15.37 -14.70 5.27
C SER A 223 -15.36 -14.75 5.29
N LYS A 224 -15.38 -15.14 4.02
CA LYS A 224 -16.39 -16.08 3.53
C LYS A 224 -16.07 -17.56 3.80
N GLY A 225 -14.97 -17.83 4.47
CA GLY A 225 -14.46 -19.20 4.71
C GLY A 225 -14.07 -19.97 3.46
N SER A 226 -13.55 -19.28 2.45
CA SER A 226 -13.06 -19.93 1.23
C SER A 226 -12.08 -21.07 1.54
N SER A 227 -12.23 -22.22 0.88
CA SER A 227 -11.24 -23.30 1.06
C SER A 227 -9.87 -23.01 0.38
N ALA A 228 -9.81 -21.96 -0.44
CA ALA A 228 -8.54 -21.54 -1.06
C ALA A 228 -7.51 -21.10 -0.03
N VAL A 229 -7.97 -20.61 1.12
CA VAL A 229 -7.10 -20.17 2.22
C VAL A 229 -6.15 -21.28 2.71
N ALA A 230 -6.57 -22.53 2.55
CA ALA A 230 -5.80 -23.66 3.09
C ALA A 230 -4.87 -24.25 2.04
N ASP A 231 -4.83 -23.66 0.85
CA ASP A 231 -4.17 -24.32 -0.26
C ASP A 231 -2.98 -23.49 -0.68
N ASP A 232 -1.78 -24.10 -0.52
CA ASP A 232 -0.52 -23.40 -0.77
C ASP A 232 -0.44 -22.85 -2.20
N SER A 233 -1.06 -23.57 -3.13
CA SER A 233 -1.06 -23.17 -4.54
C SER A 233 -2.02 -22.05 -4.88
N LYS A 234 -2.89 -21.65 -3.95
CA LYS A 234 -3.94 -20.68 -4.31
C LYS A 234 -3.78 -19.34 -3.57
N LEU A 235 -4.60 -18.36 -3.96
CA LEU A 235 -4.54 -16.97 -3.41
C LEU A 235 -3.20 -16.22 -3.63
N ARG A 236 -2.51 -16.56 -4.73
CA ARG A 236 -1.22 -15.97 -5.02
C ARG A 236 -1.42 -14.79 -5.94
N PRO A 237 -0.78 -13.65 -5.66
CA PRO A 237 -0.81 -12.57 -6.64
C PRO A 237 -0.19 -13.10 -7.93
N VAL A 238 -0.73 -12.67 -9.08
CA VAL A 238 -0.17 -13.08 -10.39
C VAL A 238 0.43 -11.82 -11.00
N ILE A 239 1.67 -11.94 -11.47
CA ILE A 239 2.38 -10.79 -11.99
C ILE A 239 2.91 -11.20 -13.37
N HIS A 240 2.61 -10.38 -14.37
CA HIS A 240 3.30 -10.48 -15.65
C HIS A 240 3.62 -9.15 -16.28
N CYS A 241 4.69 -9.12 -17.06
CA CYS A 241 5.01 -7.99 -17.91
C CYS A 241 4.85 -8.51 -19.36
N ARG A 242 5.92 -8.48 -20.16
CA ARG A 242 5.86 -9.10 -21.50
C ARG A 242 6.41 -10.52 -21.48
N ALA A 243 7.68 -10.65 -21.09
CA ALA A 243 8.28 -11.98 -20.96
C ALA A 243 8.10 -12.58 -19.57
N GLY A 244 7.75 -11.76 -18.56
CA GLY A 244 7.67 -12.25 -17.19
C GLY A 244 9.03 -12.53 -16.54
N VAL A 245 10.09 -11.81 -16.94
CA VAL A 245 11.44 -12.01 -16.35
C VAL A 245 12.14 -10.72 -15.89
N GLY A 246 11.75 -9.59 -16.45
CA GLY A 246 12.43 -8.33 -16.17
C GLY A 246 11.62 -7.50 -15.18
N ARG A 247 10.62 -6.80 -15.70
CA ARG A 247 9.78 -5.97 -14.86
C ARG A 247 9.06 -6.76 -13.76
N THR A 248 8.62 -7.96 -14.16
CA THR A 248 7.99 -8.89 -13.21
C THR A 248 8.92 -9.23 -12.04
N ALA A 249 10.17 -9.54 -12.32
CA ALA A 249 11.11 -9.92 -11.25
C ALA A 249 11.46 -8.75 -10.34
N GLN A 250 11.53 -7.55 -10.93
CA GLN A 250 11.81 -6.36 -10.14
C GLN A 250 10.66 -6.15 -9.14
N LEU A 251 9.41 -6.31 -9.58
CA LEU A 251 8.30 -6.12 -8.66
C LEU A 251 8.25 -7.26 -7.63
N ILE A 252 8.40 -8.50 -8.06
CA ILE A 252 8.39 -9.62 -7.10
C ILE A 252 9.45 -9.46 -6.01
N GLY A 253 10.66 -9.07 -6.41
CA GLY A 253 11.73 -8.72 -5.43
C GLY A 253 11.26 -7.64 -4.45
N ALA A 254 10.67 -6.56 -4.98
CA ALA A 254 10.18 -5.51 -4.08
C ALA A 254 9.06 -5.95 -3.15
N MET A 255 8.16 -6.80 -3.66
CA MET A 255 7.12 -7.38 -2.82
C MET A 255 7.68 -8.24 -1.70
N CYS A 256 8.71 -9.04 -1.99
N CYS A 256 8.69 -9.04 -2.03
CA CYS A 256 9.26 -9.90 -0.94
CA CYS A 256 9.36 -9.88 -1.04
C CYS A 256 9.97 -9.08 0.13
C CYS A 256 9.84 -9.02 0.12
N MET A 257 10.42 -7.86 -0.22
CA MET A 257 11.04 -6.97 0.75
C MET A 257 10.02 -6.21 1.56
N ASN A 258 8.78 -6.14 1.05
CA ASN A 258 7.65 -5.52 1.74
C ASN A 258 7.02 -6.46 2.77
N ASP A 259 7.33 -7.76 2.65
CA ASP A 259 6.74 -8.82 3.47
C ASP A 259 7.45 -8.89 4.83
N SER A 260 6.72 -8.68 5.92
CA SER A 260 7.32 -8.64 7.26
C SER A 260 7.90 -9.98 7.72
N ARG A 261 7.59 -11.06 6.99
CA ARG A 261 8.05 -12.40 7.40
C ARG A 261 9.46 -12.71 6.86
N ASN A 262 10.02 -11.82 6.02
CA ASN A 262 11.23 -12.11 5.26
C ASN A 262 12.50 -11.47 5.80
N SER A 263 12.55 -11.16 7.11
N SER A 263 12.50 -11.17 7.19
CA SER A 263 13.77 -10.60 7.70
CA SER A 263 13.72 -10.62 7.78
C SER A 263 14.95 -11.50 7.34
C SER A 263 14.90 -11.51 7.43
N GLN A 264 16.06 -10.87 6.98
CA GLN A 264 17.33 -11.54 6.71
C GLN A 264 17.44 -12.28 5.36
N LEU A 265 16.38 -12.28 4.54
CA LEU A 265 16.51 -12.91 3.23
C LEU A 265 17.41 -12.01 2.38
N SER A 266 18.47 -12.55 1.78
CA SER A 266 19.41 -11.74 1.02
C SER A 266 18.96 -11.50 -0.44
N VAL A 267 19.57 -10.52 -1.10
CA VAL A 267 19.30 -10.30 -2.54
C VAL A 267 19.72 -11.54 -3.33
N GLU A 268 20.85 -12.13 -2.93
CA GLU A 268 21.32 -13.37 -3.54
C GLU A 268 20.24 -14.48 -3.43
N ASP A 269 19.65 -14.62 -2.24
CA ASP A 269 18.55 -15.59 -2.00
C ASP A 269 17.36 -15.32 -2.93
N MET A 270 16.90 -14.06 -2.98
CA MET A 270 15.66 -13.71 -3.68
C MET A 270 15.81 -14.00 -5.16
N VAL A 271 16.93 -13.55 -5.72
CA VAL A 271 17.14 -13.76 -7.16
C VAL A 271 17.43 -15.23 -7.52
N SER A 272 18.25 -15.89 -6.71
N SER A 272 18.20 -15.91 -6.62
CA SER A 272 18.47 -17.33 -6.90
CA SER A 272 18.42 -17.35 -6.82
C SER A 272 17.14 -18.13 -6.84
C SER A 272 17.09 -18.15 -6.75
N GLN A 273 16.27 -17.75 -5.91
CA GLN A 273 14.98 -18.40 -5.78
C GLN A 273 14.08 -18.14 -7.00
N MET A 274 14.00 -16.90 -7.45
CA MET A 274 13.21 -16.62 -8.66
C MET A 274 13.76 -17.40 -9.85
N ARG A 275 15.10 -17.53 -9.91
CA ARG A 275 15.73 -18.17 -11.07
C ARG A 275 15.49 -19.67 -11.11
N VAL A 276 15.69 -20.33 -9.98
CA VAL A 276 15.45 -21.74 -9.88
C VAL A 276 13.97 -22.13 -10.08
N GLN A 277 13.06 -21.23 -9.70
CA GLN A 277 11.63 -21.53 -9.75
C GLN A 277 10.95 -21.05 -11.02
N ARG A 278 11.69 -20.38 -11.91
CA ARG A 278 11.09 -19.96 -13.20
C ARG A 278 12.08 -20.12 -14.34
N ASN A 279 13.09 -19.26 -14.42
CA ASN A 279 14.20 -19.49 -15.35
C ASN A 279 15.38 -18.59 -14.99
N GLY A 280 16.52 -18.83 -15.63
CA GLY A 280 17.74 -18.13 -15.25
C GLY A 280 17.80 -16.68 -15.68
N ILE A 281 16.78 -16.22 -16.40
CA ILE A 281 16.75 -14.82 -16.81
C ILE A 281 16.08 -13.90 -15.79
N MET A 282 15.37 -14.46 -14.81
CA MET A 282 14.68 -13.63 -13.80
C MET A 282 15.60 -12.52 -13.25
N VAL A 283 15.12 -11.27 -13.33
CA VAL A 283 15.92 -10.05 -13.12
C VAL A 283 16.87 -10.00 -14.33
N GLN A 284 16.32 -9.55 -15.43
CA GLN A 284 17.00 -9.66 -16.72
C GLN A 284 18.09 -8.62 -16.92
N LYS A 285 17.90 -7.44 -16.39
CA LYS A 285 18.76 -6.32 -16.68
C LYS A 285 19.51 -5.83 -15.47
N ASP A 286 20.66 -5.21 -15.71
CA ASP A 286 21.42 -4.62 -14.62
C ASP A 286 20.63 -3.58 -13.82
N GLU A 287 19.87 -2.73 -14.51
CA GLU A 287 19.06 -1.69 -13.84
C GLU A 287 18.02 -2.27 -12.87
N GLN A 288 17.56 -3.48 -13.19
CA GLN A 288 16.57 -4.18 -12.37
C GLN A 288 17.20 -4.70 -11.08
N LEU A 289 18.33 -5.37 -11.23
CA LEU A 289 19.10 -5.78 -10.07
C LEU A 289 19.49 -4.57 -9.22
N ASP A 290 19.89 -3.47 -9.88
CA ASP A 290 20.22 -2.23 -9.12
C ASP A 290 19.06 -1.73 -8.25
N VAL A 291 17.83 -1.86 -8.75
CA VAL A 291 16.67 -1.46 -7.94
C VAL A 291 16.61 -2.31 -6.69
N LEU A 292 16.77 -3.63 -6.88
CA LEU A 292 16.68 -4.56 -5.74
C LEU A 292 17.81 -4.30 -4.74
N ILE A 293 19.01 -4.03 -5.26
CA ILE A 293 20.14 -3.62 -4.41
C ILE A 293 19.83 -2.37 -3.59
N LYS A 294 19.21 -1.37 -4.23
CA LYS A 294 18.94 -0.10 -3.56
C LYS A 294 17.84 -0.24 -2.51
N LEU A 295 16.80 -1.03 -2.82
CA LEU A 295 15.79 -1.34 -1.81
C LEU A 295 16.35 -2.10 -0.59
N ALA A 296 17.20 -3.09 -0.84
CA ALA A 296 17.84 -3.88 0.21
C ALA A 296 18.71 -2.97 1.09
N GLU A 297 19.50 -2.10 0.45
CA GLU A 297 20.35 -1.13 1.15
C GLU A 297 19.52 -0.26 2.08
N GLY A 298 18.41 0.27 1.56
CA GLY A 298 17.49 1.06 2.34
C GLY A 298 16.98 0.35 3.59
N GLN A 299 16.89 -0.98 3.54
CA GLN A 299 16.42 -1.75 4.71
C GLN A 299 17.55 -2.31 5.59
N GLY A 300 18.80 -2.14 5.14
CA GLY A 300 19.94 -2.81 5.76
C GLY A 300 19.86 -4.33 5.62
N ARG A 301 19.29 -4.79 4.50
CA ARG A 301 19.18 -6.22 4.18
C ARG A 301 20.44 -6.65 3.44
N PRO A 302 20.95 -7.86 3.72
CA PRO A 302 22.20 -8.28 3.08
C PRO A 302 22.05 -8.56 1.57
N LEU A 303 23.10 -8.23 0.83
CA LEU A 303 23.16 -8.59 -0.57
C LEU A 303 23.57 -10.03 -0.75
N LEU A 304 24.54 -10.47 0.06
CA LEU A 304 25.18 -11.76 -0.16
C LEU A 304 24.95 -12.67 1.02
N ASN A 305 24.96 -13.98 0.74
CA ASN A 305 24.96 -14.98 1.79
C ASN A 305 26.39 -15.22 2.25
N SER A 306 26.56 -15.35 3.56
CA SER A 306 27.85 -15.72 4.15
C SER A 306 28.22 -17.13 3.76
N SER B 25 -30.54 -2.26 -2.54
CA SER B 25 -29.71 -1.01 -2.56
C SER B 25 -28.24 -1.37 -2.30
N PRO B 26 -27.33 -0.73 -3.04
CA PRO B 26 -25.92 -0.95 -2.69
C PRO B 26 -25.55 -0.23 -1.38
N TYR B 27 -26.52 0.46 -0.77
CA TYR B 27 -26.31 1.15 0.50
C TYR B 27 -27.30 0.68 1.57
N GLY B 28 -27.90 -0.48 1.31
CA GLY B 28 -28.92 -1.01 2.19
C GLY B 28 -28.36 -1.90 3.26
N PRO B 29 -29.22 -2.41 4.14
CA PRO B 29 -28.85 -3.33 5.22
C PRO B 29 -27.92 -4.48 4.79
N GLU B 30 -28.27 -5.18 3.70
CA GLU B 30 -27.47 -6.33 3.25
C GLU B 30 -26.02 -5.94 2.92
N ALA B 31 -25.89 -4.85 2.17
CA ALA B 31 -24.58 -4.33 1.75
C ALA B 31 -23.80 -3.96 3.00
N ARG B 32 -24.46 -3.25 3.92
CA ARG B 32 -23.79 -2.78 5.14
C ARG B 32 -23.37 -3.93 6.03
N ALA B 33 -24.19 -4.97 6.10
CA ALA B 33 -23.85 -6.19 6.87
C ALA B 33 -22.63 -6.89 6.29
N GLU B 34 -22.57 -6.95 4.97
CA GLU B 34 -21.45 -7.57 4.29
C GLU B 34 -20.14 -6.79 4.48
N LEU B 35 -20.24 -5.47 4.36
CA LEU B 35 -19.11 -4.59 4.69
C LEU B 35 -18.59 -4.81 6.10
N SER B 36 -19.48 -4.77 7.10
N SER B 36 -19.53 -4.86 7.06
CA SER B 36 -19.05 -4.97 8.49
CA SER B 36 -19.20 -5.14 8.45
C SER B 36 -18.36 -6.31 8.67
C SER B 36 -18.53 -6.50 8.67
N SER B 37 -18.93 -7.33 8.06
N SER B 37 -18.99 -7.51 7.96
CA SER B 37 -18.40 -8.69 8.12
CA SER B 37 -18.40 -8.83 8.08
C SER B 37 -16.97 -8.79 7.59
C SER B 37 -16.96 -8.84 7.57
N ARG B 38 -16.74 -8.18 6.43
CA ARG B 38 -15.38 -8.15 5.84
C ARG B 38 -14.45 -7.37 6.76
N LEU B 39 -14.93 -6.23 7.27
CA LEU B 39 -14.09 -5.42 8.14
C LEU B 39 -13.75 -6.11 9.46
N THR B 40 -14.71 -6.87 9.99
CA THR B 40 -14.48 -7.62 11.24
C THR B 40 -13.38 -8.70 11.08
N THR B 41 -13.47 -9.49 10.02
CA THR B 41 -12.42 -10.46 9.71
C THR B 41 -11.05 -9.79 9.69
N LEU B 42 -10.97 -8.62 9.07
CA LEU B 42 -9.70 -7.94 8.95
C LEU B 42 -9.17 -7.48 10.30
N ARG B 43 -10.04 -6.88 11.11
CA ARG B 43 -9.66 -6.47 12.47
C ARG B 43 -9.09 -7.65 13.24
N ASN B 44 -9.76 -8.80 13.13
CA ASN B 44 -9.33 -10.00 13.87
C ASN B 44 -8.00 -10.53 13.39
N THR B 45 -7.79 -10.55 12.08
CA THR B 45 -6.49 -10.96 11.50
C THR B 45 -5.36 -10.03 11.96
N LEU B 46 -5.67 -8.73 11.99
CA LEU B 46 -4.70 -7.71 12.36
C LEU B 46 -4.43 -7.58 13.87
N ALA B 47 -5.18 -8.32 14.70
CA ALA B 47 -5.05 -8.20 16.17
C ALA B 47 -3.60 -8.52 16.57
N PRO B 48 -3.01 -7.68 17.43
CA PRO B 48 -1.60 -7.86 17.73
C PRO B 48 -1.40 -9.01 18.72
N ALA B 49 -0.51 -9.92 18.38
CA ALA B 49 -0.15 -10.98 19.32
C ALA B 49 0.74 -10.33 20.40
N THR B 50 0.98 -11.02 21.51
CA THR B 50 2.00 -10.56 22.47
C THR B 50 3.31 -10.52 21.69
N ASN B 51 4.05 -9.42 21.78
CA ASN B 51 5.28 -9.21 20.97
C ASN B 51 5.14 -9.41 19.44
N ASP B 52 3.99 -9.00 18.88
CA ASP B 52 3.74 -9.16 17.44
C ASP B 52 4.80 -8.48 16.57
N PRO B 53 5.36 -9.22 15.59
CA PRO B 53 6.35 -8.68 14.68
C PRO B 53 5.81 -7.74 13.59
N ARG B 54 4.49 -7.62 13.47
CA ARG B 54 3.92 -6.69 12.49
C ARG B 54 3.86 -5.29 13.09
N TYR B 55 4.12 -5.21 14.38
CA TYR B 55 3.93 -3.99 15.12
C TYR B 55 5.20 -3.50 15.81
N LEU B 56 5.26 -2.19 15.98
CA LEU B 56 6.40 -1.56 16.63
C LEU B 56 6.37 -1.90 18.12
N GLN B 57 7.51 -2.34 18.65
CA GLN B 57 7.63 -2.66 20.08
C GLN B 57 8.41 -1.57 20.81
N ALA B 58 8.03 -1.29 22.06
CA ALA B 58 8.76 -0.36 22.91
C ALA B 58 10.26 -0.68 22.93
N CYS B 59 11.07 0.31 22.57
CA CYS B 59 12.52 0.18 22.39
C CYS B 59 13.33 0.14 23.70
N GLY B 60 12.65 -0.09 24.83
CA GLY B 60 13.30 -0.14 26.14
C GLY B 60 12.40 -0.61 27.27
N GLY B 61 12.04 0.31 28.17
CA GLY B 61 12.32 1.73 28.05
C GLY B 61 11.07 2.51 28.43
N GLU B 62 10.83 3.64 27.75
CA GLU B 62 9.60 4.41 27.99
C GLU B 62 8.38 3.75 27.32
N LYS B 63 7.18 4.04 27.83
CA LYS B 63 5.95 3.53 27.22
C LYS B 63 5.89 4.05 25.76
N LEU B 64 5.59 3.15 24.81
CA LEU B 64 5.38 3.59 23.41
C LEU B 64 3.89 3.80 23.10
N ASN B 65 3.07 2.82 23.43
CA ASN B 65 1.63 2.90 23.14
C ASN B 65 0.85 3.52 24.26
N ARG B 66 0.10 4.57 23.94
CA ARG B 66 -0.83 5.19 24.88
C ARG B 66 -1.86 4.16 25.40
N PHE B 67 -2.33 3.27 24.51
CA PHE B 67 -3.23 2.18 24.86
C PHE B 67 -2.59 0.87 24.43
N ARG B 68 -2.54 -0.11 25.33
CA ARG B 68 -1.69 -1.28 25.07
C ARG B 68 -2.12 -2.09 23.84
N ASP B 69 -3.42 -2.04 23.55
CA ASP B 69 -4.01 -2.80 22.43
C ASP B 69 -4.11 -2.01 21.11
N ILE B 70 -3.72 -0.75 21.14
N ILE B 70 -3.74 -0.73 21.14
CA ILE B 70 -3.71 0.12 19.96
CA ILE B 70 -3.75 0.13 19.95
C ILE B 70 -2.28 0.34 19.51
C ILE B 70 -2.31 0.35 19.50
N GLN B 71 -1.85 -0.50 18.58
CA GLN B 71 -0.46 -0.57 18.22
C GLN B 71 -0.13 0.04 16.85
N CYS B 72 1.15 0.11 16.53
CA CYS B 72 1.62 0.87 15.40
C CYS B 72 2.26 -0.08 14.41
N ARG B 73 1.60 -0.28 13.27
CA ARG B 73 2.18 -1.11 12.20
C ARG B 73 3.65 -0.77 11.94
N ARG B 74 4.52 -1.76 12.09
CA ARG B 74 5.97 -1.49 11.97
C ARG B 74 6.40 -1.00 10.58
N GLN B 75 5.90 -1.65 9.54
CA GLN B 75 6.35 -1.35 8.16
C GLN B 75 6.00 0.05 7.68
N THR B 76 4.97 0.66 8.28
CA THR B 76 4.62 2.03 7.92
C THR B 76 4.90 3.03 9.05
N ALA B 77 5.65 2.63 10.09
CA ALA B 77 5.94 3.54 11.19
C ALA B 77 6.78 4.72 10.71
N VAL B 78 6.48 5.88 11.26
CA VAL B 78 7.21 7.11 10.93
C VAL B 78 8.54 7.21 11.70
N ARG B 79 8.50 6.99 13.01
CA ARG B 79 9.70 6.97 13.87
C ARG B 79 9.60 5.78 14.83
N ALA B 80 10.75 5.26 15.26
CA ALA B 80 10.80 4.08 16.12
C ALA B 80 10.24 4.33 17.52
N ASP B 81 10.13 5.60 17.90
CA ASP B 81 9.73 5.93 19.24
C ASP B 81 8.40 6.67 19.28
N LEU B 82 7.66 6.61 18.18
CA LEU B 82 6.31 7.17 18.13
C LEU B 82 5.29 6.10 17.68
N ASN B 83 4.08 6.22 18.17
CA ASN B 83 2.95 5.45 17.68
C ASN B 83 2.29 6.36 16.61
N ALA B 84 2.71 6.17 15.36
CA ALA B 84 2.40 7.06 14.24
C ALA B 84 2.71 6.31 12.91
N ASN B 85 1.83 6.44 11.92
CA ASN B 85 1.97 5.67 10.69
C ASN B 85 1.73 6.52 9.48
N TYR B 86 2.54 6.31 8.43
CA TYR B 86 2.19 6.80 7.12
C TYR B 86 0.98 5.99 6.62
N ILE B 87 -0.02 6.65 6.07
CA ILE B 87 -1.17 5.96 5.53
C ILE B 87 -1.44 6.59 4.19
N GLN B 88 -1.60 5.74 3.17
CA GLN B 88 -2.11 6.21 1.89
C GLN B 88 -3.40 5.52 1.57
N VAL B 89 -4.44 6.32 1.36
CA VAL B 89 -5.76 5.77 1.07
C VAL B 89 -6.09 6.21 -0.35
N GLY B 90 -6.10 5.25 -1.28
CA GLY B 90 -6.16 5.61 -2.70
C GLY B 90 -4.89 6.40 -3.02
N ASN B 91 -5.05 7.67 -3.38
CA ASN B 91 -3.92 8.54 -3.65
C ASN B 91 -3.57 9.46 -2.47
N THR B 92 -4.41 9.46 -1.44
CA THR B 92 -4.28 10.45 -0.35
C THR B 92 -3.22 10.04 0.68
N ARG B 93 -2.18 10.87 0.84
CA ARG B 93 -1.10 10.51 1.75
C ARG B 93 -1.17 11.34 3.03
N THR B 94 -1.20 10.65 4.16
CA THR B 94 -1.30 11.29 5.46
C THR B 94 -0.39 10.60 6.46
N ILE B 95 -0.42 11.11 7.68
CA ILE B 95 0.17 10.43 8.81
C ILE B 95 -0.90 10.44 9.88
N ALA B 96 -1.15 9.29 10.49
CA ALA B 96 -2.09 9.18 11.59
C ALA B 96 -1.31 8.76 12.82
N CYS B 97 -1.62 9.35 13.97
CA CYS B 97 -0.88 8.97 15.17
C CYS B 97 -1.76 9.05 16.42
N GLN B 98 -1.27 8.53 17.52
CA GLN B 98 -1.90 8.75 18.82
C GLN B 98 -1.53 10.14 19.33
N TYR B 99 -2.26 10.63 20.34
CA TYR B 99 -1.88 11.86 20.99
C TYR B 99 -0.55 11.52 21.68
N PRO B 100 0.51 12.27 21.36
CA PRO B 100 1.87 11.94 21.89
C PRO B 100 1.88 11.95 23.41
N LEU B 101 2.59 10.98 24.00
CA LEU B 101 2.84 10.97 25.44
C LEU B 101 3.82 12.12 25.74
N GLN B 102 3.81 12.62 26.96
CA GLN B 102 4.80 13.61 27.37
C GLN B 102 6.22 13.30 26.90
N SER B 103 6.69 12.06 27.13
CA SER B 103 8.07 11.70 26.82
C SER B 103 8.32 11.59 25.32
N GLN B 104 7.24 11.61 24.52
CA GLN B 104 7.31 11.58 23.06
C GLN B 104 7.25 12.96 22.38
N LEU B 105 6.95 14.01 23.13
CA LEU B 105 6.77 15.35 22.52
C LEU B 105 7.94 15.80 21.70
N GLU B 106 9.17 15.66 22.21
CA GLU B 106 10.32 16.09 21.44
C GLU B 106 10.43 15.37 20.08
N SER B 107 10.27 14.05 20.09
N SER B 107 10.26 14.04 20.10
CA SER B 107 10.29 13.27 18.86
CA SER B 107 10.27 13.24 18.89
C SER B 107 9.11 13.64 17.94
C SER B 107 9.11 13.60 17.96
N HIS B 108 7.96 13.88 18.55
CA HIS B 108 6.75 14.31 17.83
C HIS B 108 6.98 15.63 17.10
N PHE B 109 7.63 16.58 17.77
CA PHE B 109 7.98 17.84 17.13
C PHE B 109 9.00 17.64 16.01
N ARG B 110 9.93 16.70 16.20
N ARG B 110 9.94 16.70 16.21
CA ARG B 110 10.92 16.45 15.14
CA ARG B 110 10.91 16.38 15.17
C ARG B 110 10.27 15.79 13.91
C ARG B 110 10.19 15.87 13.92
N MET B 111 9.25 14.96 14.12
CA MET B 111 8.42 14.39 13.02
C MET B 111 7.73 15.53 12.30
N LEU B 112 7.07 16.41 13.06
CA LEU B 112 6.36 17.53 12.44
C LEU B 112 7.27 18.39 11.57
N ALA B 113 8.46 18.73 12.09
CA ALA B 113 9.37 19.61 11.35
C ALA B 113 9.97 18.92 10.10
N GLU B 114 10.44 17.69 10.27
CA GLU B 114 11.03 16.96 9.16
C GLU B 114 10.06 16.69 8.03
N ASN B 115 8.80 16.47 8.39
CA ASN B 115 7.73 16.27 7.43
C ASN B 115 7.31 17.59 6.72
N ARG B 116 7.80 18.74 7.21
CA ARG B 116 7.33 20.04 6.69
C ARG B 116 5.81 19.99 6.67
N THR B 117 5.27 19.59 7.82
CA THR B 117 3.84 19.30 7.95
C THR B 117 2.98 20.48 7.46
N PRO B 118 2.14 20.23 6.43
CA PRO B 118 1.29 21.30 5.88
C PRO B 118 0.05 21.62 6.73
N VAL B 119 -0.37 20.67 7.55
CA VAL B 119 -1.44 20.89 8.51
C VAL B 119 -1.35 19.80 9.56
N LEU B 120 -1.59 20.16 10.82
CA LEU B 120 -1.68 19.22 11.92
C LEU B 120 -3.10 19.33 12.40
N ALA B 121 -3.89 18.25 12.26
CA ALA B 121 -5.28 18.27 12.71
C ALA B 121 -5.37 17.52 14.03
N VAL B 122 -5.79 18.22 15.08
CA VAL B 122 -5.95 17.62 16.41
C VAL B 122 -7.43 17.56 16.73
N LEU B 123 -7.90 16.35 16.97
CA LEU B 123 -9.32 16.11 17.11
C LEU B 123 -9.67 15.76 18.54
N ALA B 124 -8.67 15.70 19.43
CA ALA B 124 -8.92 15.53 20.87
C ALA B 124 -9.56 16.78 21.44
N SER B 125 -10.56 16.56 22.29
CA SER B 125 -11.33 17.62 22.91
C SER B 125 -10.55 18.37 23.99
N SER B 126 -10.88 19.64 24.15
CA SER B 126 -10.33 20.47 25.23
C SER B 126 -10.53 19.82 26.60
N SER B 127 -11.67 19.15 26.77
N SER B 127 -11.66 19.12 26.75
CA SER B 127 -11.95 18.42 28.00
CA SER B 127 -12.01 18.40 27.98
C SER B 127 -10.91 17.32 28.25
C SER B 127 -11.09 17.21 28.28
N GLU B 128 -10.69 16.47 27.25
CA GLU B 128 -9.69 15.42 27.36
C GLU B 128 -8.31 15.99 27.70
N ILE B 129 -7.88 17.02 26.96
N ILE B 129 -7.88 17.02 26.98
CA ILE B 129 -6.60 17.68 27.19
CA ILE B 129 -6.57 17.62 27.21
C ILE B 129 -6.48 18.14 28.63
C ILE B 129 -6.45 18.21 28.60
N ALA B 130 -7.55 18.76 29.11
CA ALA B 130 -7.60 19.34 30.47
C ALA B 130 -7.58 18.27 31.58
N ASN B 131 -8.04 17.08 31.25
CA ASN B 131 -8.07 15.98 32.20
C ASN B 131 -6.66 15.44 32.45
N GLN B 132 -6.07 15.85 33.58
CA GLN B 132 -4.67 15.51 33.81
C GLN B 132 -4.40 14.00 33.87
N ARG B 133 -5.43 13.25 34.26
CA ARG B 133 -5.37 11.78 34.32
C ARG B 133 -5.25 11.09 32.96
N PHE B 134 -5.56 11.83 31.89
CA PHE B 134 -5.39 11.30 30.53
C PHE B 134 -3.98 11.49 29.97
N GLY B 135 -3.17 12.33 30.61
CA GLY B 135 -1.78 12.48 30.19
C GLY B 135 -1.67 12.94 28.74
N MET B 136 -2.45 13.96 28.41
CA MET B 136 -2.42 14.53 27.05
C MET B 136 -1.90 15.97 27.15
N PRO B 137 -0.58 16.15 26.98
CA PRO B 137 0.01 17.49 27.21
C PRO B 137 -0.53 18.52 26.21
N ASP B 138 -0.68 19.75 26.69
CA ASP B 138 -1.22 20.85 25.91
C ASP B 138 -0.08 21.42 25.09
N TYR B 139 0.31 20.69 24.03
CA TYR B 139 1.57 21.01 23.36
C TYR B 139 1.45 22.00 22.20
N PHE B 140 0.22 22.36 21.84
CA PHE B 140 0.05 23.22 20.67
C PHE B 140 -0.62 24.56 20.96
N ARG B 141 -1.24 24.71 22.12
CA ARG B 141 -1.91 25.97 22.49
C ARG B 141 -1.03 26.86 23.35
N GLN B 142 0.14 26.36 23.70
CA GLN B 142 1.11 27.18 24.42
C GLN B 142 2.53 26.95 23.88
N SER B 143 3.39 27.93 24.09
CA SER B 143 4.80 27.78 23.76
C SER B 143 5.53 26.92 24.79
N GLY B 144 6.67 26.38 24.41
CA GLY B 144 7.41 25.56 25.36
C GLY B 144 8.71 25.05 24.86
N THR B 145 9.42 24.36 25.76
CA THR B 145 10.72 23.78 25.46
C THR B 145 10.65 22.27 25.68
N TYR B 146 11.15 21.50 24.70
CA TYR B 146 11.08 20.04 24.70
C TYR B 146 12.44 19.54 24.33
N GLY B 147 13.28 19.29 25.34
CA GLY B 147 14.67 18.96 25.06
C GLY B 147 15.33 20.11 24.29
N SER B 148 15.94 19.82 23.13
CA SER B 148 16.60 20.87 22.32
C SER B 148 15.63 21.71 21.45
N ILE B 149 14.36 21.35 21.45
CA ILE B 149 13.40 22.03 20.58
C ILE B 149 12.61 23.10 21.34
N THR B 150 12.48 24.31 20.77
CA THR B 150 11.59 25.31 21.34
C THR B 150 10.44 25.51 20.35
N VAL B 151 9.25 25.69 20.89
CA VAL B 151 8.05 25.77 20.09
C VAL B 151 7.31 27.01 20.53
N GLU B 152 6.91 27.84 19.56
CA GLU B 152 6.13 29.03 19.84
C GLU B 152 4.72 28.82 19.26
N SER B 153 3.68 28.99 20.06
CA SER B 153 2.30 28.86 19.59
C SER B 153 1.66 30.23 19.41
N LYS B 154 1.00 30.43 18.27
CA LYS B 154 0.28 31.67 18.00
C LYS B 154 -1.12 31.30 17.54
N MET B 155 -2.15 31.93 18.11
CA MET B 155 -3.51 31.69 17.65
C MET B 155 -3.77 32.38 16.31
N THR B 156 -4.44 31.69 15.41
CA THR B 156 -4.85 32.28 14.14
C THR B 156 -6.37 32.29 14.04
N GLN B 157 -6.94 31.84 12.92
CA GLN B 157 -8.42 32.00 12.77
C GLN B 157 -9.27 30.95 13.50
N GLN B 158 -10.57 31.21 13.60
CA GLN B 158 -11.52 30.23 14.08
C GLN B 158 -12.59 30.02 13.01
N VAL B 159 -12.83 28.77 12.65
CA VAL B 159 -13.79 28.46 11.61
C VAL B 159 -14.86 27.53 12.17
N GLY B 160 -16.13 27.92 12.03
CA GLY B 160 -17.24 27.07 12.46
C GLY B 160 -17.50 25.97 11.42
N LEU B 161 -17.82 24.78 11.90
CA LEU B 161 -18.00 23.60 11.02
C LEU B 161 -19.44 23.09 10.94
N GLY B 162 -20.34 23.68 11.72
CA GLY B 162 -21.72 23.20 11.81
C GLY B 162 -22.00 22.57 13.16
N ASP B 163 -23.29 22.53 13.55
CA ASP B 163 -23.73 21.94 14.84
C ASP B 163 -22.96 22.50 16.03
N GLY B 164 -22.55 23.76 15.94
CA GLY B 164 -21.72 24.40 16.99
C GLY B 164 -20.31 23.83 17.13
N ILE B 165 -19.92 22.91 16.26
CA ILE B 165 -18.55 22.36 16.29
C ILE B 165 -17.58 23.43 15.75
N MET B 166 -16.48 23.66 16.47
CA MET B 166 -15.58 24.77 16.17
C MET B 166 -14.15 24.30 15.89
N ALA B 167 -13.57 24.82 14.82
CA ALA B 167 -12.17 24.60 14.53
C ALA B 167 -11.37 25.82 14.98
N ASP B 168 -10.49 25.63 15.96
CA ASP B 168 -9.56 26.71 16.38
C ASP B 168 -8.20 26.52 15.74
N MET B 169 -7.71 27.54 15.04
CA MET B 169 -6.43 27.39 14.36
C MET B 169 -5.27 28.09 15.04
N TYR B 170 -4.06 27.56 14.78
CA TYR B 170 -2.83 28.02 15.41
C TYR B 170 -1.71 27.83 14.42
N THR B 171 -0.55 28.42 14.73
N THR B 171 -0.58 28.46 14.69
CA THR B 171 0.69 28.24 13.99
CA THR B 171 0.63 28.07 14.03
C THR B 171 1.77 27.86 15.01
C THR B 171 1.57 27.67 15.14
N LEU B 172 2.41 26.69 14.84
CA LEU B 172 3.47 26.23 15.75
C LEU B 172 4.80 26.44 15.05
N THR B 173 5.67 27.25 15.64
CA THR B 173 6.96 27.52 15.03
C THR B 173 7.97 26.73 15.82
N ILE B 174 8.62 25.78 15.14
CA ILE B 174 9.52 24.81 15.77
C ILE B 174 10.96 25.19 15.45
N ARG B 175 11.76 25.42 16.49
N ARG B 175 11.78 25.39 16.49
CA ARG B 175 13.15 25.86 16.34
CA ARG B 175 13.14 25.86 16.33
C ARG B 175 14.03 24.88 17.06
C ARG B 175 14.06 24.94 17.09
N GLU B 176 15.20 24.64 16.49
CA GLU B 176 16.25 23.81 17.10
C GLU B 176 17.59 24.28 16.52
N ALA B 177 18.56 24.51 17.40
CA ALA B 177 19.89 24.94 16.97
C ALA B 177 20.40 24.10 15.79
N GLY B 178 20.93 24.79 14.78
CA GLY B 178 21.47 24.12 13.60
C GLY B 178 20.44 23.44 12.70
N GLN B 179 19.15 23.71 12.96
CA GLN B 179 18.09 23.16 12.12
C GLN B 179 17.24 24.27 11.54
N LYS B 180 16.67 24.02 10.37
CA LYS B 180 15.76 24.98 9.76
C LYS B 180 14.49 25.14 10.63
N THR B 181 14.14 26.39 10.87
CA THR B 181 12.90 26.75 11.56
C THR B 181 11.72 26.39 10.65
N ILE B 182 10.75 25.66 11.20
CA ILE B 182 9.53 25.24 10.49
C ILE B 182 8.27 25.69 11.23
N SER B 183 7.31 26.30 10.53
N SER B 183 7.31 26.29 10.51
CA SER B 183 6.04 26.62 11.12
CA SER B 183 6.03 26.64 11.09
C SER B 183 4.97 25.66 10.61
C SER B 183 4.95 25.68 10.60
N VAL B 184 4.15 25.18 11.53
CA VAL B 184 3.10 24.19 11.21
C VAL B 184 1.72 24.76 11.47
N PRO B 185 0.83 24.83 10.44
CA PRO B 185 -0.56 25.21 10.74
C PRO B 185 -1.29 24.12 11.54
N VAL B 186 -2.02 24.52 12.58
CA VAL B 186 -2.78 23.57 13.37
C VAL B 186 -4.29 23.83 13.24
N VAL B 187 -5.08 22.77 13.02
CA VAL B 187 -6.53 22.85 13.11
C VAL B 187 -6.94 22.01 14.32
N HIS B 188 -7.44 22.68 15.36
CA HIS B 188 -7.87 21.97 16.54
C HIS B 188 -9.40 22.02 16.68
N VAL B 189 -10.06 20.87 16.61
CA VAL B 189 -11.48 20.77 16.92
C VAL B 189 -11.54 20.35 18.37
N GLY B 190 -11.86 21.31 19.24
CA GLY B 190 -11.80 21.08 20.69
C GLY B 190 -13.11 20.58 21.28
N ASN B 191 -14.15 20.47 20.46
CA ASN B 191 -15.44 20.00 20.93
C ASN B 191 -16.07 18.85 20.12
N TRP B 192 -15.22 17.91 19.68
CA TRP B 192 -15.64 16.62 19.09
C TRP B 192 -15.44 15.56 20.19
N PRO B 193 -16.55 15.15 20.84
CA PRO B 193 -16.39 14.24 21.99
C PRO B 193 -15.76 12.88 21.65
N ASP B 194 -14.91 12.40 22.56
CA ASP B 194 -14.33 11.07 22.54
C ASP B 194 -15.40 9.97 22.28
N PHE B 195 -15.01 8.97 21.50
CA PHE B 195 -15.87 7.82 21.17
C PHE B 195 -17.18 8.22 20.48
N THR B 196 -17.17 9.32 19.72
CA THR B 196 -18.36 9.70 18.95
C THR B 196 -18.00 9.97 17.49
N ALA B 197 -19.04 10.13 16.68
CA ALA B 197 -18.91 10.63 15.32
C ALA B 197 -19.66 11.95 15.30
N VAL B 198 -19.02 13.00 14.79
CA VAL B 198 -19.77 14.20 14.43
C VAL B 198 -20.50 13.85 13.15
N SER B 199 -21.47 14.70 12.76
CA SER B 199 -22.25 14.39 11.57
C SER B 199 -21.40 14.37 10.28
N SER B 200 -21.97 13.77 9.24
CA SER B 200 -21.32 13.77 7.92
C SER B 200 -21.11 15.21 7.39
N GLU B 201 -22.03 16.12 7.71
CA GLU B 201 -21.92 17.52 7.24
C GLU B 201 -20.73 18.25 7.93
N VAL B 202 -20.60 18.06 9.24
CA VAL B 202 -19.47 18.59 10.00
C VAL B 202 -18.18 17.93 9.47
N THR B 203 -18.22 16.61 9.25
CA THR B 203 -17.00 15.90 8.80
C THR B 203 -16.55 16.45 7.45
N LYS B 204 -17.51 16.71 6.56
CA LYS B 204 -17.18 17.20 5.24
C LYS B 204 -16.58 18.61 5.36
N ALA B 205 -17.12 19.43 6.27
CA ALA B 205 -16.61 20.81 6.42
C ALA B 205 -15.20 20.79 6.99
N LEU B 206 -14.97 19.88 7.93
CA LEU B 206 -13.64 19.73 8.55
C LEU B 206 -12.62 19.23 7.51
N ALA B 207 -12.98 18.23 6.71
CA ALA B 207 -12.06 17.73 5.66
C ALA B 207 -11.71 18.83 4.66
N SER B 208 -12.70 19.65 4.28
CA SER B 208 -12.44 20.80 3.41
C SER B 208 -11.48 21.80 4.01
N LEU B 209 -11.68 22.14 5.28
CA LEU B 209 -10.80 23.09 5.97
C LEU B 209 -9.37 22.52 6.11
N VAL B 210 -9.28 21.26 6.52
CA VAL B 210 -7.96 20.63 6.67
C VAL B 210 -7.23 20.54 5.32
N ASP B 211 -7.93 20.09 4.28
CA ASP B 211 -7.33 20.03 2.93
C ASP B 211 -6.91 21.43 2.43
N GLN B 212 -7.76 22.43 2.66
CA GLN B 212 -7.50 23.79 2.22
C GLN B 212 -6.27 24.36 2.94
N THR B 213 -6.22 24.15 4.26
CA THR B 213 -5.06 24.59 5.06
C THR B 213 -3.76 23.93 4.56
N ALA B 214 -3.79 22.63 4.33
CA ALA B 214 -2.61 21.94 3.78
C ALA B 214 -2.23 22.48 2.41
N GLU B 215 -3.23 22.72 1.57
CA GLU B 215 -2.95 23.19 0.22
C GLU B 215 -2.21 24.53 0.20
N THR B 216 -2.66 25.48 1.04
CA THR B 216 -2.01 26.79 1.16
C THR B 216 -0.55 26.63 1.63
N LYS B 217 -0.37 25.84 2.68
CA LYS B 217 0.99 25.66 3.20
C LYS B 217 1.90 24.91 2.21
N ARG B 218 1.39 23.84 1.58
CA ARG B 218 2.14 23.11 0.55
C ARG B 218 2.53 24.04 -0.60
N ASN B 219 1.62 24.90 -1.02
CA ASN B 219 1.91 25.90 -2.05
C ASN B 219 3.11 26.82 -1.71
N MET B 220 3.16 27.27 -0.46
CA MET B 220 4.28 28.07 0.03
C MET B 220 5.60 27.30 -0.16
N TYR B 221 5.64 26.04 0.26
CA TYR B 221 6.87 25.25 0.12
C TYR B 221 7.27 25.05 -1.35
N GLU B 222 6.28 24.83 -2.20
CA GLU B 222 6.54 24.74 -3.64
C GLU B 222 7.08 26.05 -4.22
N SER B 223 6.53 27.18 -3.77
N SER B 223 6.54 27.18 -3.74
CA SER B 223 7.00 28.49 -4.23
CA SER B 223 6.97 28.52 -4.17
C SER B 223 8.49 28.68 -3.88
C SER B 223 8.42 28.84 -3.76
N LYS B 224 8.91 28.11 -2.76
CA LYS B 224 10.30 28.26 -2.29
C LYS B 224 11.25 27.21 -2.87
N GLY B 225 10.74 26.31 -3.71
CA GLY B 225 11.51 25.19 -4.24
C GLY B 225 11.99 24.19 -3.18
N SER B 226 11.16 23.97 -2.16
CA SER B 226 11.48 22.99 -1.13
C SER B 226 11.73 21.60 -1.71
N SER B 227 12.79 20.95 -1.24
CA SER B 227 13.08 19.58 -1.68
C SER B 227 12.02 18.59 -1.20
N ALA B 228 11.27 18.97 -0.16
CA ALA B 228 10.25 18.09 0.40
C ALA B 228 9.15 17.73 -0.61
N VAL B 229 8.95 18.62 -1.59
CA VAL B 229 7.95 18.43 -2.66
C VAL B 229 8.10 17.11 -3.42
N ALA B 230 9.35 16.69 -3.64
CA ALA B 230 9.62 15.49 -4.42
C ALA B 230 9.56 14.20 -3.58
N ASP B 231 9.53 14.37 -2.25
CA ASP B 231 9.66 13.25 -1.32
C ASP B 231 8.30 12.76 -0.82
N ASP B 232 8.01 11.48 -1.09
CA ASP B 232 6.72 10.87 -0.77
C ASP B 232 6.41 10.69 0.72
N SER B 233 7.46 10.66 1.53
CA SER B 233 7.29 10.56 2.96
C SER B 233 7.02 11.95 3.59
N LYS B 234 7.16 13.01 2.81
CA LYS B 234 7.02 14.39 3.36
C LYS B 234 5.80 15.16 2.86
N LEU B 235 5.54 16.33 3.46
CA LEU B 235 4.35 17.14 3.18
C LEU B 235 3.01 16.44 3.45
N ARG B 236 3.00 15.54 4.42
CA ARG B 236 1.76 14.83 4.74
C ARG B 236 1.01 15.57 5.84
N PRO B 237 -0.30 15.78 5.65
CA PRO B 237 -1.13 16.17 6.81
C PRO B 237 -1.00 15.13 7.92
N VAL B 238 -0.88 15.62 9.16
CA VAL B 238 -0.80 14.78 10.35
C VAL B 238 -2.10 14.91 11.12
N ILE B 239 -2.72 13.78 11.44
CA ILE B 239 -4.01 13.79 12.10
C ILE B 239 -3.91 12.93 13.34
N HIS B 240 -4.37 13.46 14.48
CA HIS B 240 -4.51 12.63 15.64
C HIS B 240 -5.68 13.04 16.50
N CYS B 241 -6.21 12.08 17.22
CA CYS B 241 -7.21 12.36 18.24
C CYS B 241 -6.58 11.93 19.57
N ARG B 242 -7.15 10.93 20.25
CA ARG B 242 -6.53 10.45 21.48
C ARG B 242 -5.77 9.17 21.15
N ALA B 243 -6.47 8.17 20.65
CA ALA B 243 -5.85 6.92 20.25
C ALA B 243 -5.39 6.93 18.78
N GLY B 244 -5.92 7.85 17.98
CA GLY B 244 -5.60 7.89 16.54
C GLY B 244 -6.25 6.79 15.72
N VAL B 245 -7.41 6.30 16.18
CA VAL B 245 -8.14 5.22 15.46
C VAL B 245 -9.61 5.53 15.17
N GLY B 246 -10.21 6.39 15.97
CA GLY B 246 -11.66 6.61 15.85
C GLY B 246 -11.95 7.89 15.06
N ARG B 247 -11.88 9.01 15.75
CA ARG B 247 -12.09 10.31 15.13
C ARG B 247 -11.10 10.60 14.01
N THR B 248 -9.84 10.24 14.22
CA THR B 248 -8.81 10.33 13.15
C THR B 248 -9.20 9.59 11.88
N ALA B 249 -9.71 8.37 12.02
CA ALA B 249 -10.01 7.55 10.86
C ALA B 249 -11.25 8.09 10.14
N GLN B 250 -12.22 8.61 10.90
CA GLN B 250 -13.37 9.25 10.29
C GLN B 250 -12.91 10.45 9.42
N LEU B 251 -12.01 11.26 9.94
CA LEU B 251 -11.54 12.39 9.17
C LEU B 251 -10.71 11.93 7.95
N ILE B 252 -9.82 10.96 8.13
CA ILE B 252 -8.97 10.52 7.00
C ILE B 252 -9.83 10.00 5.85
N GLY B 253 -10.82 9.18 6.19
CA GLY B 253 -11.83 8.69 5.23
C GLY B 253 -12.52 9.83 4.51
N ALA B 254 -12.99 10.82 5.27
CA ALA B 254 -13.57 12.00 4.62
C ALA B 254 -12.58 12.75 3.71
N MET B 255 -11.33 12.91 4.13
CA MET B 255 -10.33 13.58 3.30
C MET B 255 -10.12 12.80 2.01
N CYS B 256 -10.13 11.47 2.09
CA CYS B 256 -9.83 10.72 0.85
C CYS B 256 -11.00 10.85 -0.12
N MET B 257 -12.21 11.07 0.40
CA MET B 257 -13.38 11.28 -0.47
C MET B 257 -13.44 12.69 -1.05
N ASN B 258 -12.70 13.60 -0.43
CA ASN B 258 -12.55 14.97 -0.91
C ASN B 258 -11.48 15.09 -2.00
N ASP B 259 -10.69 14.02 -2.18
CA ASP B 259 -9.56 14.00 -3.11
C ASP B 259 -10.08 13.56 -4.49
N SER B 260 -9.93 14.45 -5.48
CA SER B 260 -10.47 14.25 -6.81
C SER B 260 -9.83 13.04 -7.50
N ARG B 261 -8.70 12.58 -6.98
CA ARG B 261 -7.96 11.50 -7.65
C ARG B 261 -8.55 10.12 -7.30
N ASN B 262 -9.44 10.06 -6.31
CA ASN B 262 -9.89 8.76 -5.74
C ASN B 262 -11.22 8.20 -6.26
N SER B 263 -11.61 8.59 -7.47
CA SER B 263 -12.82 8.01 -8.07
C SER B 263 -12.77 6.48 -7.98
N GLN B 264 -13.91 5.91 -7.61
CA GLN B 264 -14.14 4.46 -7.52
C GLN B 264 -13.45 3.74 -6.37
N LEU B 265 -12.75 4.46 -5.51
CA LEU B 265 -12.17 3.81 -4.32
C LEU B 265 -13.31 3.50 -3.37
N SER B 266 -13.51 2.24 -3.00
CA SER B 266 -14.65 1.88 -2.16
C SER B 266 -14.44 2.15 -0.67
N VAL B 267 -15.53 2.16 0.10
CA VAL B 267 -15.40 2.27 1.55
C VAL B 267 -14.60 1.05 2.11
N GLU B 268 -14.91 -0.13 1.53
CA GLU B 268 -14.15 -1.33 1.88
C GLU B 268 -12.65 -1.13 1.66
N ASP B 269 -12.28 -0.56 0.51
CA ASP B 269 -10.86 -0.18 0.23
C ASP B 269 -10.28 0.77 1.27
N MET B 270 -10.99 1.87 1.52
CA MET B 270 -10.47 2.95 2.38
C MET B 270 -10.20 2.41 3.76
N VAL B 271 -11.20 1.70 4.31
CA VAL B 271 -11.03 1.17 5.68
C VAL B 271 -9.99 0.07 5.76
N SER B 272 -9.99 -0.85 4.79
N SER B 272 -9.99 -0.84 4.79
CA SER B 272 -8.97 -1.90 4.74
CA SER B 272 -8.98 -1.88 4.77
C SER B 272 -7.56 -1.30 4.63
C SER B 272 -7.56 -1.29 4.65
N GLN B 273 -7.40 -0.26 3.81
CA GLN B 273 -6.14 0.45 3.69
C GLN B 273 -5.71 1.11 5.00
N MET B 274 -6.64 1.75 5.70
CA MET B 274 -6.27 2.36 6.99
C MET B 274 -5.86 1.28 8.00
N ARG B 275 -6.51 0.14 7.95
CA ARG B 275 -6.26 -0.93 8.92
C ARG B 275 -4.94 -1.63 8.73
N VAL B 276 -4.63 -1.95 7.48
CA VAL B 276 -3.40 -2.61 7.12
C VAL B 276 -2.19 -1.71 7.38
N GLN B 277 -2.40 -0.39 7.30
CA GLN B 277 -1.29 0.55 7.37
C GLN B 277 -1.11 1.19 8.73
N ARG B 278 -2.03 0.91 9.65
CA ARG B 278 -1.89 1.39 11.03
C ARG B 278 -2.22 0.27 12.01
N ASN B 279 -3.51 -0.04 12.15
CA ASN B 279 -3.94 -1.19 12.95
C ASN B 279 -5.40 -1.51 12.69
N GLY B 280 -5.87 -2.65 13.19
CA GLY B 280 -7.18 -3.14 12.82
C GLY B 280 -8.33 -2.40 13.51
N ILE B 281 -8.01 -1.39 14.33
CA ILE B 281 -9.08 -0.61 14.99
C ILE B 281 -9.51 0.65 14.24
N MET B 282 -8.75 1.04 13.21
CA MET B 282 -9.09 2.22 12.40
C MET B 282 -10.56 2.17 12.00
N VAL B 283 -11.25 3.27 12.30
CA VAL B 283 -12.71 3.34 12.30
C VAL B 283 -13.22 2.47 13.44
N GLN B 284 -13.24 3.08 14.63
CA GLN B 284 -13.42 2.29 15.83
C GLN B 284 -14.89 1.94 16.07
N LYS B 285 -15.77 2.91 15.81
CA LYS B 285 -17.19 2.82 16.21
C LYS B 285 -18.11 2.69 14.99
N ASP B 286 -19.23 1.97 15.13
CA ASP B 286 -20.23 1.87 14.07
C ASP B 286 -20.65 3.23 13.49
N GLU B 287 -20.87 4.18 14.40
CA GLU B 287 -21.33 5.52 13.99
C GLU B 287 -20.30 6.24 13.12
N GLN B 288 -19.03 5.92 13.32
CA GLN B 288 -17.95 6.50 12.51
C GLN B 288 -17.97 5.88 11.11
N LEU B 289 -18.13 4.56 11.08
CA LEU B 289 -18.22 3.88 9.79
C LEU B 289 -19.47 4.40 9.08
N ASP B 290 -20.54 4.63 9.85
CA ASP B 290 -21.77 5.19 9.25
C ASP B 290 -21.60 6.56 8.56
N VAL B 291 -20.73 7.42 9.09
CA VAL B 291 -20.48 8.71 8.45
C VAL B 291 -19.80 8.46 7.11
N LEU B 292 -18.84 7.53 7.06
CA LEU B 292 -18.17 7.24 5.80
C LEU B 292 -19.11 6.65 4.77
N ILE B 293 -20.02 5.77 5.23
CA ILE B 293 -21.04 5.21 4.34
C ILE B 293 -21.91 6.33 3.78
N LYS B 294 -22.33 7.24 4.66
CA LYS B 294 -23.23 8.33 4.24
C LYS B 294 -22.53 9.26 3.26
N LEU B 295 -21.27 9.58 3.53
CA LEU B 295 -20.47 10.38 2.58
C LEU B 295 -20.28 9.68 1.23
N ALA B 296 -20.01 8.36 1.27
CA ALA B 296 -19.90 7.57 0.04
C ALA B 296 -21.20 7.58 -0.76
N GLU B 297 -22.32 7.37 -0.06
CA GLU B 297 -23.63 7.32 -0.71
C GLU B 297 -23.94 8.64 -1.43
N GLY B 298 -23.61 9.75 -0.76
CA GLY B 298 -23.72 11.10 -1.33
C GLY B 298 -22.97 11.29 -2.64
N GLN B 299 -21.94 10.49 -2.83
CA GLN B 299 -21.10 10.58 -4.05
C GLN B 299 -21.36 9.47 -5.05
N GLY B 300 -22.22 8.51 -4.70
CA GLY B 300 -22.41 7.29 -5.53
C GLY B 300 -21.15 6.44 -5.57
N ARG B 301 -20.33 6.55 -4.53
CA ARG B 301 -19.11 5.74 -4.40
C ARG B 301 -19.49 4.35 -3.84
N PRO B 302 -18.86 3.26 -4.35
CA PRO B 302 -19.25 1.94 -3.88
C PRO B 302 -18.89 1.66 -2.41
N LEU B 303 -19.72 0.88 -1.72
CA LEU B 303 -19.35 0.43 -0.37
C LEU B 303 -18.39 -0.75 -0.44
N LEU B 304 -18.68 -1.67 -1.36
CA LEU B 304 -18.00 -2.96 -1.42
C LEU B 304 -17.25 -3.14 -2.71
N ASN B 305 -16.19 -3.93 -2.67
CA ASN B 305 -15.52 -4.41 -3.87
C ASN B 305 -16.23 -5.62 -4.44
N SER B 306 -16.26 -5.70 -5.77
CA SER B 306 -16.80 -6.88 -6.47
C SER B 306 -15.94 -8.11 -6.30
#